data_8TH9
#
_entry.id   8TH9
#
_cell.length_a   121.430
_cell.length_b   121.430
_cell.length_c   117.695
_cell.angle_alpha   90.000
_cell.angle_beta   90.000
_cell.angle_gamma   90.000
#
_symmetry.space_group_name_H-M   'I 41 2 2'
#
loop_
_entity.id
_entity.type
_entity.pdbx_description
1 polymer 'DNA-(apurinic or apyrimidinic site) lyase'
2 polymer "DNA (5'-D(*GP*TP*AP*GP*AP*CP*CP*TP*GP*GP*AP*CP*G)-3')"
3 polymer "DNA (5'-D(*GP*CP*GP*TP*CP*CP*AP*(3DR)P*GP*TP*CP*TP*AP*C)-3')"
4 non-polymer 'ZINC ION'
5 non-polymer 'DIMETHYL SULFOXIDE'
6 water water
#
loop_
_entity_poly.entity_id
_entity_poly.type
_entity_poly.pdbx_seq_one_letter_code
_entity_poly.pdbx_strand_id
1 'polypeptide(L)'
;PEGPSLRKFHQLVAPFVGQLVVTVGGNSKKINPN(MSE)LE(MSE)LRLQDSQVHGKNLYLNFGLTEDLGLPESGSGSGN
TSQNSGLWLCFHFGLFGSVRASELSRATKANKRGDWKDPIPRLVLHFAKGFLAFYNCRIYWCLGPTVKPTSDILSEEFDR
RQALEALKQASPVSYTLLDQRYFAGLGNIIKNEVLYLARIHPLSLGSCLTPLNLESLLDHVVSFSVGWLQKKLEGKPLHH
LIYQKEQCPAGHQV(MSE)KDSFGPPGSFQRLTWWCPHCQPKAEEKVEVTQEQLLEHHHHHH
;
A
2 'polydeoxyribonucleotide' (DG)(DT)(DA)(DG)(DA)(DC)(DC)(DT)(DG)(DG)(DA)(DC)(DG) C
3 'polydeoxyribonucleotide' (DG)(DC)(DG)(DT)(DC)(DC)(DA)(3DR)(DG)(DT)(DC)(DT)(DA)(DC) D
#
# COMPACT_ATOMS: atom_id res chain seq x y z
N PRO A 1 5.12 0.02 -0.30
N PRO A 1 4.92 2.24 -1.20
CA PRO A 1 4.75 1.40 -0.63
CA PRO A 1 4.20 3.41 -0.72
C PRO A 1 4.24 2.16 0.58
C PRO A 1 4.04 3.51 0.80
N GLU A 2 4.55 1.64 1.76
N GLU A 2 4.22 2.39 1.51
CA GLU A 2 4.27 2.22 3.07
CA GLU A 2 4.20 2.37 2.97
C GLU A 2 2.82 1.97 3.49
C GLU A 2 2.81 2.71 3.52
N GLY A 3 2.63 1.79 4.82
N GLY A 3 2.68 2.65 4.83
CA GLY A 3 1.36 1.49 5.41
CA GLY A 3 1.38 2.68 5.49
C GLY A 3 0.29 2.54 5.30
C GLY A 3 0.55 3.92 5.28
N PRO A 4 0.62 3.85 5.36
N PRO A 4 1.14 5.10 5.46
CA PRO A 4 -0.40 4.86 5.05
CA PRO A 4 0.36 6.34 5.29
C PRO A 4 -0.97 4.70 3.66
C PRO A 4 -0.24 6.50 3.91
N SER A 5 -0.11 4.39 2.70
N SER A 5 0.45 5.98 2.89
CA SER A 5 -0.55 4.16 1.33
CA SER A 5 -0.12 5.97 1.55
C SER A 5 -1.54 3.02 1.26
C SER A 5 -1.38 5.14 1.50
N LEU A 6 -1.33 1.98 2.07
N LEU A 6 -1.38 4.00 2.21
CA LEU A 6 -2.26 0.85 2.04
CA LEU A 6 -2.50 3.08 2.07
C LEU A 6 -3.59 1.19 2.70
C LEU A 6 -3.73 3.58 2.83
N ARG A 7 -3.57 1.99 3.78
N ARG A 7 -3.55 4.32 3.92
CA ARG A 7 -4.83 2.44 4.38
CA ARG A 7 -4.68 4.88 4.64
C ARG A 7 -5.67 3.24 3.39
C ARG A 7 -5.46 5.88 3.77
N LYS A 8 -5.03 4.08 2.57
N LYS A 8 -4.75 6.73 3.02
CA LYS A 8 -5.76 4.80 1.52
CA LYS A 8 -5.40 7.69 2.14
C LYS A 8 -6.38 3.83 0.52
C LYS A 8 -6.18 6.97 1.04
N PHE A 9 -5.61 2.83 0.08
N PHE A 9 -5.59 5.91 0.47
CA PHE A 9 -6.12 1.88 -0.91
CA PHE A 9 -6.29 5.07 -0.49
C PHE A 9 -7.32 1.13 -0.36
C PHE A 9 -7.55 4.47 0.12
N HIS A 10 -7.22 0.67 0.89
N HIS A 10 -7.44 3.96 1.36
CA HIS A 10 -8.31 -0.03 1.54
CA HIS A 10 -8.61 3.40 2.04
C HIS A 10 -9.55 0.86 1.62
C HIS A 10 -9.73 4.44 2.16
N GLN A 11 -9.36 2.14 1.94
N GLN A 11 -9.38 5.67 2.53
CA GLN A 11 -10.50 3.06 2.00
CA GLN A 11 -10.39 6.73 2.69
C GLN A 11 -11.14 3.23 0.63
C GLN A 11 -11.01 7.12 1.36
N LEU A 12 -10.33 3.28 -0.43
N LEU A 12 -10.23 7.06 0.27
CA LEU A 12 -10.91 3.40 -1.76
CA LEU A 12 -10.81 7.29 -1.06
C LEU A 12 -11.71 2.16 -2.13
C LEU A 12 -11.78 6.17 -1.45
N VAL A 13 -11.25 0.99 -1.69
N VAL A 13 -11.48 4.95 -1.04
CA VAL A 13 -11.99 -0.25 -1.91
CA VAL A 13 -12.38 3.83 -1.29
C VAL A 13 -13.32 -0.23 -1.18
C VAL A 13 -13.66 3.92 -0.43
N ALA A 14 -13.34 0.34 0.04
N ALA A 14 -13.57 4.53 0.75
CA ALA A 14 -14.44 0.16 0.98
CA ALA A 14 -14.61 4.39 1.77
C ALA A 14 -15.85 0.37 0.42
C ALA A 14 -16.02 4.77 1.32
N PRO A 15 -16.13 1.41 -0.39
N PRO A 15 -16.27 5.89 0.62
CA PRO A 15 -17.53 1.60 -0.86
CA PRO A 15 -17.65 6.21 0.23
C PRO A 15 -18.01 0.54 -1.83
C PRO A 15 -18.25 5.21 -0.73
N PHE A 16 -17.12 -0.25 -2.43
N PHE A 16 -17.41 4.38 -1.36
CA PHE A 16 -17.50 -1.34 -3.33
CA PHE A 16 -17.86 3.40 -2.32
C PHE A 16 -17.72 -2.66 -2.62
C PHE A 16 -18.30 2.08 -1.70
N VAL A 17 -17.48 -2.74 -1.30
N VAL A 17 -18.03 1.88 -0.41
CA VAL A 17 -17.68 -4.00 -0.61
CA VAL A 17 -18.38 0.61 0.22
C VAL A 17 -19.15 -4.35 -0.58
C VAL A 17 -19.90 0.46 0.24
N GLY A 18 -19.48 -5.58 -0.96
N GLY A 18 -20.37 -0.73 -0.14
CA GLY A 18 -20.86 -6.00 -1.04
CA GLY A 18 -21.79 -1.02 -0.19
C GLY A 18 -21.50 -5.87 -2.40
C GLY A 18 -22.41 -0.84 -1.56
N GLN A 19 -20.77 -5.51 -3.44
N GLN A 19 -21.73 -0.19 -2.49
CA GLN A 19 -21.37 -5.42 -4.76
CA GLN A 19 -22.26 0.04 -3.83
C GLN A 19 -20.91 -6.57 -5.63
C GLN A 19 -21.93 -1.10 -4.78
N LEU A 20 -21.78 -6.96 -6.54
N LEU A 20 -22.79 -1.27 -5.78
CA LEU A 20 -21.51 -7.94 -7.57
CA LEU A 20 -22.62 -2.31 -6.80
C LEU A 20 -20.42 -7.44 -8.52
C LEU A 20 -21.56 -1.90 -7.83
N VAL A 21 -19.44 -8.28 -8.80
N VAL A 21 -20.67 -2.83 -8.18
CA VAL A 21 -18.46 -8.00 -9.84
CA VAL A 21 -19.73 -2.56 -9.26
C VAL A 21 -19.10 -8.36 -11.19
C VAL A 21 -20.46 -2.80 -10.56
N VAL A 22 -19.23 -7.36 -12.09
N VAL A 22 -21.05 -1.75 -11.12
CA VAL A 22 -19.91 -7.56 -13.37
CA VAL A 22 -21.75 -1.91 -12.39
C VAL A 22 -18.95 -8.06 -14.44
C VAL A 22 -20.85 -2.60 -13.38
N THR A 23 -17.87 -7.31 -14.68
N THR A 23 -19.61 -2.14 -13.43
CA THR A 23 -16.85 -7.68 -15.65
CA THR A 23 -18.81 -2.76 -14.46
C THR A 23 -15.49 -7.53 -14.99
C THR A 23 -17.32 -2.47 -14.26
N VAL A 24 -14.52 -8.28 -15.48
N VAL A 24 -16.49 -3.27 -14.92
CA VAL A 24 -13.15 -8.17 -15.00
CA VAL A 24 -15.09 -3.39 -14.52
C VAL A 24 -12.21 -8.04 -16.18
C VAL A 24 -14.17 -3.16 -15.71
N GLY A 25 -11.38 -7.01 -16.15
N GLY A 25 -13.14 -2.38 -15.46
CA GLY A 25 -10.36 -6.82 -17.17
CA GLY A 25 -12.07 -2.27 -16.39
C GLY A 25 -8.98 -6.65 -16.58
C GLY A 25 -10.71 -2.57 -15.79
N GLY A 26 -8.07 -6.08 -17.35
N GLY A 26 -9.65 -2.34 -16.55
CA GLY A 26 -6.69 -5.99 -16.92
CA GLY A 26 -8.29 -2.56 -16.13
C GLY A 26 -5.85 -7.04 -17.60
C GLY A 26 -7.55 -3.34 -17.19
N ASN A 27 -4.53 -6.85 -17.49
N ASN A 27 -6.22 -3.34 -17.14
CA ASN A 27 -3.57 -7.60 -18.28
CA ASN A 27 -5.46 -4.25 -18.00
C ASN A 27 -2.97 -8.80 -17.54
C ASN A 27 -4.77 -5.35 -17.22
N SER A 28 -3.26 -8.97 -16.25
N SER A 28 -5.01 -5.45 -15.91
CA SER A 28 -2.60 -9.99 -15.45
CA SER A 28 -4.57 -6.60 -15.15
C SER A 28 -2.78 -11.38 -16.04
C SER A 28 -4.81 -7.90 -15.90
N LYS A 29 -1.69 -12.14 -16.06
N LYS A 29 -3.80 -8.76 -15.90
CA LYS A 29 -1.74 -13.51 -16.56
CA LYS A 29 -3.84 -10.03 -16.62
C LYS A 29 -2.40 -14.46 -15.58
C LYS A 29 -3.92 -11.24 -15.69
N LYS A 30 -2.01 -14.39 -14.30
N LYS A 30 -3.40 -11.13 -14.47
CA LYS A 30 -2.31 -15.46 -13.35
CA LYS A 30 -3.51 -12.23 -13.52
C LYS A 30 -3.81 -15.59 -13.09
C LYS A 30 -4.92 -12.35 -12.95
N ILE A 31 -4.49 -14.49 -12.84
N ILE A 31 -5.62 -11.23 -12.82
CA ILE A 31 -5.83 -14.49 -12.26
CA ILE A 31 -6.99 -11.18 -12.33
C ILE A 31 -6.85 -14.55 -13.39
C ILE A 31 -7.88 -10.76 -13.50
N ASN A 32 -7.55 -15.68 -13.49
N ASN A 32 -8.87 -11.58 -13.82
CA ASN A 32 -8.56 -15.81 -14.52
CA ASN A 32 -9.83 -11.23 -14.87
C ASN A 32 -9.76 -14.94 -14.21
C ASN A 32 -10.69 -10.09 -14.35
N PRO A 33 -10.07 -13.94 -15.05
N PRO A 33 -10.59 -8.88 -14.91
CA PRO A 33 -11.13 -12.98 -14.71
CA PRO A 33 -11.47 -7.79 -14.41
C PRO A 33 -12.43 -13.68 -14.52
C PRO A 33 -12.95 -8.12 -14.50
N ASN A 34 -12.54 -14.89 -15.04
N ASN A 34 -13.40 -8.86 -15.53
CA ASN A 34 -13.68 -15.76 -14.92
CA ASN A 34 -14.83 -9.16 -15.67
C ASN A 34 -13.58 -16.51 -13.59
C ASN A 34 -15.38 -9.87 -14.43
N LEU A 36 -14.08 -14.12 -10.84
N LEU A 36 -15.41 -9.18 -11.38
CA LEU A 36 -14.58 -13.01 -10.05
CA LEU A 36 -16.06 -8.38 -10.35
C LEU A 36 -15.95 -12.55 -10.54
C LEU A 36 -17.36 -7.75 -10.82
N GLU A 37 -16.11 -12.35 -11.85
N GLU A 37 -17.72 -7.94 -12.08
CA GLU A 37 -17.28 -11.69 -12.42
CA GLU A 37 -18.85 -7.24 -12.68
C GLU A 37 -18.55 -12.34 -11.93
C GLU A 37 -20.15 -7.65 -11.99
N LEU A 39 -19.44 -12.59 -8.88
N LEU A 39 -20.79 -7.38 -8.82
CA LEU A 39 -19.36 -12.78 -7.44
CA LEU A 39 -20.64 -7.70 -7.42
C LEU A 39 -19.48 -11.41 -6.81
C LEU A 39 -20.79 -6.43 -6.61
N ARG A 40 -19.78 -11.41 -5.52
N ARG A 40 -21.15 -6.59 -5.34
CA ARG A 40 -19.77 -10.18 -4.76
CA ARG A 40 -21.17 -5.47 -4.42
C ARG A 40 -18.39 -10.00 -4.12
C ARG A 40 -19.81 -5.34 -3.75
N LEU A 41 -17.94 -8.76 -4.12
N LEU A 41 -19.33 -4.10 -3.63
CA LEU A 41 -16.84 -8.33 -3.27
CA LEU A 41 -18.15 -3.82 -2.82
C LEU A 41 -17.39 -8.30 -1.84
C LEU A 41 -18.60 -3.88 -1.36
N GLN A 42 -17.15 -9.37 -1.08
N GLN A 42 -18.48 -5.08 -0.78
CA GLN A 42 -17.79 -9.54 0.23
CA GLN A 42 -18.98 -5.31 0.56
C GLN A 42 -16.90 -9.14 1.39
C GLN A 42 -18.07 -4.66 1.61
N ASP A 43 -15.66 -8.74 1.16
N ASP A 43 -16.76 -4.86 1.51
CA ASP A 43 -14.81 -8.28 2.24
CA ASP A 43 -15.91 -4.48 2.63
C ASP A 43 -13.51 -7.70 1.67
C ASP A 43 -14.58 -3.99 2.10
N SER A 44 -12.96 -6.71 2.39
N SER A 44 -13.86 -3.26 2.94
CA SER A 44 -11.69 -6.10 2.08
CA SER A 44 -12.57 -2.71 2.50
C SER A 44 -10.98 -5.83 3.39
C SER A 44 -11.75 -2.43 3.74
N GLN A 45 -9.71 -6.22 3.49
N GLN A 45 -10.53 -2.97 3.78
CA GLN A 45 -8.92 -6.07 4.70
CA GLN A 45 -9.72 -2.86 4.97
C GLN A 45 -7.52 -5.65 4.32
C GLN A 45 -8.28 -2.61 4.56
N VAL A 46 -6.89 -4.86 5.19
N VAL A 46 -7.50 -2.12 5.52
CA VAL A 46 -5.53 -4.36 4.96
CA VAL A 46 -6.11 -1.74 5.29
C VAL A 46 -4.69 -4.72 6.17
C VAL A 46 -5.27 -2.28 6.43
N HIS A 47 -3.49 -5.25 5.92
N HIS A 47 -4.12 -2.87 6.09
CA HIS A 47 -2.50 -5.52 6.96
CA HIS A 47 -3.12 -3.22 7.07
C HIS A 47 -1.12 -5.15 6.45
C HIS A 47 -1.76 -2.77 6.55
N GLY A 48 -0.50 -4.12 7.04
N GLY A 48 -1.12 -1.86 7.29
CA GLY A 48 0.86 -3.70 6.70
CA GLY A 48 0.16 -1.35 6.87
C GLY A 48 1.05 -3.28 5.25
C GLY A 48 0.10 -0.93 5.40
N LYS A 49 1.75 -4.09 4.47
N LYS A 49 0.86 -1.65 4.56
CA LYS A 49 1.91 -3.81 3.05
CA LYS A 49 1.03 -1.38 3.14
C LYS A 49 0.96 -4.61 2.16
C LYS A 49 0.07 -2.17 2.26
N ASN A 50 0.03 -5.39 2.72
N ASN A 50 -0.87 -2.91 2.85
CA ASN A 50 -0.81 -6.29 1.94
CA ASN A 50 -1.78 -3.75 2.08
C ASN A 50 -2.26 -5.86 1.96
C ASN A 50 -3.20 -3.20 2.11
N LEU A 51 -2.96 -6.07 0.84
N LEU A 51 -3.88 -3.31 0.96
CA LEU A 51 -4.40 -5.87 0.74
CA LEU A 51 -5.30 -2.98 0.83
C LEU A 51 -5.07 -7.18 0.35
C LEU A 51 -6.08 -4.25 0.51
N TYR A 52 -6.13 -7.56 1.07
N TYR A 52 -7.19 -4.48 1.21
CA TYR A 52 -6.79 -8.82 0.84
CA TYR A 52 -8.03 -5.65 0.99
C TYR A 52 -8.24 -8.54 0.49
C TYR A 52 -9.43 -5.20 0.60
N LEU A 53 -8.69 -9.10 -0.62
N LEU A 53 -9.93 -5.73 -0.50
CA LEU A 53 -10.07 -8.99 -1.05
CA LEU A 53 -11.26 -5.39 -1.01
C LEU A 53 -10.67 -10.39 -1.03
C LEU A 53 -12.09 -6.66 -1.07
N ASN A 54 -11.90 -10.51 -0.55
N ASN A 54 -13.27 -6.63 -0.42
CA ASN A 54 -12.62 -11.78 -0.52
CA ASN A 54 -14.19 -7.76 -0.37
C ASN A 54 -13.78 -11.69 -1.50
C ASN A 54 -15.33 -7.49 -1.33
N PHE A 55 -13.97 -12.76 -2.26
N PHE A 55 -15.65 -8.48 -2.16
CA PHE A 55 -15.01 -12.89 -3.26
CA PHE A 55 -16.71 -8.39 -3.15
C PHE A 55 -15.87 -14.10 -2.95
C PHE A 55 -17.65 -9.58 -2.99
N GLY A 56 -17.18 -13.91 -2.96
N GLY A 56 -18.91 -9.37 -3.30
CA GLY A 56 -18.07 -15.02 -2.71
CA GLY A 56 -19.86 -10.47 -3.30
C GLY A 56 -19.51 -14.61 -2.83
C GLY A 56 -21.25 -9.98 -3.64
N LEU A 57 -20.39 -15.55 -2.50
N LEU A 57 -22.21 -10.89 -3.46
CA LEU A 57 -21.80 -15.21 -2.39
CA LEU A 57 -23.63 -10.53 -3.47
C LEU A 57 -22.36 -15.67 -1.04
C LEU A 57 -24.34 -11.27 -2.36
N THR A 58 -21.52 -15.57 -0.02
CA THR A 58 -21.91 -15.76 1.37
C THR A 58 -22.46 -14.44 1.92
N SER A 77 -13.90 -19.32 3.65
N SER A 77 -20.85 -14.26 -2.15
CA SER A 77 -15.17 -18.77 3.14
CA SER A 77 -20.65 -13.16 -1.20
C SER A 77 -14.93 -17.80 1.99
C SER A 77 -19.51 -13.48 -0.26
N GLY A 78 -15.21 -18.27 0.78
N GLY A 78 -18.34 -12.87 -0.50
CA GLY A 78 -14.92 -17.53 -0.43
CA GLY A 78 -17.18 -13.20 0.30
C GLY A 78 -13.44 -17.63 -0.82
C GLY A 78 -15.81 -13.21 -0.37
N LEU A 79 -13.12 -16.82 -1.81
N LEU A 79 -15.77 -13.07 -1.70
CA LEU A 79 -11.79 -16.73 -2.39
CA LEU A 79 -14.51 -12.99 -2.46
C LEU A 79 -11.14 -15.46 -1.91
C LEU A 79 -13.63 -11.84 -1.97
N TRP A 80 -9.84 -15.50 -1.71
N TRP A 80 -12.30 -12.09 -1.83
CA TRP A 80 -9.09 -14.31 -1.34
CA TRP A 80 -11.36 -11.06 -1.36
C TRP A 80 -8.01 -14.04 -2.38
C TRP A 80 -10.19 -10.83 -2.33
N LEU A 81 -7.99 -12.81 -2.84
N LEU A 81 -9.85 -9.57 -2.56
CA LEU A 81 -6.91 -12.25 -3.63
CA LEU A 81 -8.70 -9.20 -3.37
C LEU A 81 -6.06 -11.35 -2.75
C LEU A 81 -7.71 -8.37 -2.55
N CYS A 82 -4.74 -11.57 -2.76
N CYS A 82 -6.42 -8.59 -2.79
CA CYS A 82 -3.80 -10.71 -2.06
CA CYS A 82 -5.35 -7.89 -2.10
C CYS A 82 -3.08 -9.84 -3.08
C CYS A 82 -4.56 -7.03 -3.09
N PHE A 83 -2.95 -8.55 -2.73
N PHE A 83 -4.32 -5.78 -2.71
CA PHE A 83 -2.25 -7.55 -3.52
CA PHE A 83 -3.57 -4.81 -3.50
C PHE A 83 -1.04 -7.05 -2.75
C PHE A 83 -2.31 -4.42 -2.73
N HIS A 84 0.11 -7.06 -3.43
N HIS A 84 -1.17 -4.49 -3.42
CA HIS A 84 1.38 -6.53 -2.95
CA HIS A 84 0.13 -4.02 -2.90
C HIS A 84 1.95 -5.62 -4.02
C HIS A 84 0.77 -3.17 -3.99
N PHE A 85 2.13 -4.34 -3.71
N PHE A 85 1.22 -1.98 -3.63
CA PHE A 85 2.29 -3.30 -4.71
CA PHE A 85 1.55 -0.98 -4.62
C PHE A 85 3.75 -2.92 -4.96
C PHE A 85 3.06 -0.84 -4.81
N GLY A 86 4.01 -2.50 -6.20
N GLY A 86 3.45 -0.64 -6.07
CA GLY A 86 5.31 -2.03 -6.61
CA GLY A 86 4.83 -0.36 -6.40
C GLY A 86 5.50 -0.55 -6.41
C GLY A 86 5.10 1.13 -6.33
N LEU A 87 6.68 -0.06 -6.82
N LEU A 87 6.22 1.52 -6.91
CA LEU A 87 7.03 1.35 -6.61
CA LEU A 87 6.75 2.86 -6.70
C LEU A 87 5.94 2.29 -7.16
C LEU A 87 5.79 3.93 -7.20
N PHE A 88 5.34 1.93 -8.29
N PHE A 88 5.12 3.68 -8.32
CA PHE A 88 4.28 2.72 -8.88
CA PHE A 88 4.18 4.64 -8.90
C PHE A 88 2.93 2.00 -8.80
C PHE A 88 2.73 4.25 -8.67
N GLY A 89 2.76 1.19 -7.76
N GLY A 89 2.48 3.43 -7.66
CA GLY A 89 1.51 0.48 -7.60
CA GLY A 89 1.14 2.91 -7.44
C GLY A 89 0.42 1.43 -7.16
C GLY A 89 0.22 3.91 -6.77
N SER A 90 -0.80 1.14 -7.58
N SER A 90 -1.06 3.80 -7.07
CA SER A 90 -1.87 2.01 -7.11
CA SER A 90 -2.00 4.65 -6.35
C SER A 90 -3.20 1.29 -7.20
C SER A 90 -3.40 4.22 -6.72
N VAL A 91 -4.13 1.77 -6.40
N VAL A 91 -4.37 4.74 -5.96
CA VAL A 91 -5.55 1.42 -6.49
CA VAL A 91 -5.77 4.62 -6.29
C VAL A 91 -6.27 2.69 -6.92
C VAL A 91 -6.32 6.02 -6.45
N ARG A 92 -7.16 2.58 -7.90
N ARG A 92 -7.05 6.25 -7.52
CA ARG A 92 -7.90 3.71 -8.44
CA ARG A 92 -7.67 7.53 -7.77
C ARG A 92 -9.39 3.39 -8.50
C ARG A 92 -9.17 7.33 -7.69
N ALA A 93 -10.21 4.34 -8.05
N ALA A 93 -9.86 8.30 -7.09
CA ALA A 93 -11.65 4.14 -7.94
CA ALA A 93 -11.31 8.28 -7.00
C ALA A 93 -12.34 4.88 -9.08
C ALA A 93 -11.87 9.29 -7.99
N SER A 94 -12.80 4.13 -10.08
N SER A 94 -12.55 8.78 -9.02
CA SER A 94 -13.50 4.70 -11.22
CA SER A 94 -13.33 9.55 -9.98
C SER A 94 -12.68 5.79 -11.90
C SER A 94 -12.50 10.58 -10.76
N GLU A 95 -11.39 5.52 -12.07
N GLU A 95 -11.17 10.55 -10.62
CA GLU A 95 -10.48 6.48 -12.70
CA GLU A 95 -10.27 11.29 -11.51
C GLU A 95 -9.24 5.76 -13.23
C GLU A 95 -9.25 10.32 -12.07
N LEU A 96 -8.76 6.18 -14.39
N LEU A 96 -8.80 10.60 -13.29
CA LEU A 96 -7.60 5.57 -15.02
CA LEU A 96 -7.85 9.77 -14.02
C LEU A 96 -6.40 6.51 -14.96
C LEU A 96 -6.54 10.52 -14.21
N SER A 97 -5.21 5.94 -14.83
N SER A 97 -5.43 9.91 -13.81
CA SER A 97 -3.99 6.73 -14.90
CA SER A 97 -4.13 10.53 -14.06
C SER A 97 -3.56 6.90 -16.35
C SER A 97 -3.82 10.55 -15.55
N ARG A 98 -2.88 8.02 -16.63
N ARG A 98 -3.09 11.58 -15.97
CA ARG A 98 -2.50 8.36 -18.00
CA ARG A 98 -2.67 11.72 -17.36
C ARG A 98 -1.11 8.99 -18.04
C ARG A 98 -1.22 12.17 -17.39
N ALA A 99 -0.50 8.93 -19.21
N ALA A 99 -0.58 11.95 -18.54
CA ALA A 99 0.80 9.53 -19.42
CA ALA A 99 0.78 12.43 -18.76
C ALA A 99 0.65 11.03 -19.65
C ALA A 99 0.76 13.91 -19.10
N THR A 100 1.57 11.81 -19.07
N THR A 100 1.76 14.64 -18.57
CA THR A 100 1.53 13.26 -19.21
CA THR A 100 2.08 15.99 -19.02
C THR A 100 2.53 13.81 -20.22
C THR A 100 3.28 16.02 -19.96
N LYS A 101 3.60 13.07 -20.49
N LYS A 101 4.24 15.11 -19.77
CA LYS A 101 4.63 13.53 -21.41
CA LYS A 101 5.40 14.96 -20.65
C LYS A 101 5.27 12.29 -22.02
C LYS A 101 5.66 13.47 -20.87
N ALA A 102 6.24 12.52 -22.91
N ALA A 102 6.70 13.16 -21.65
CA ALA A 102 6.95 11.44 -23.57
CA ALA A 102 6.95 11.80 -22.11
C ALA A 102 8.09 10.93 -22.69
C ALA A 102 8.42 11.43 -21.98
N ASN A 103 8.29 9.61 -22.71
N ASN A 103 8.69 10.16 -22.27
CA ASN A 103 9.49 9.05 -22.11
CA ASN A 103 10.03 9.60 -22.22
C ASN A 103 10.71 9.49 -22.90
C ASN A 103 10.77 9.91 -23.53
N LYS A 104 11.88 9.49 -22.24
N LYS A 104 11.94 9.30 -23.72
CA LYS A 104 13.09 10.03 -22.85
CA LYS A 104 12.70 9.41 -24.96
C LYS A 104 13.36 9.40 -24.21
C LYS A 104 12.72 8.04 -25.63
N ARG A 105 13.03 8.12 -24.36
N ARG A 105 12.04 7.92 -26.77
CA ARG A 105 13.12 7.45 -25.65
CA ARG A 105 11.97 6.66 -27.49
C ARG A 105 11.83 7.62 -26.44
C ARG A 105 11.82 6.89 -29.00
N TRP A 108 4.74 8.91 -25.43
N TRP A 108 5.70 8.13 -25.37
CA TRP A 108 3.65 8.85 -24.44
CA TRP A 108 4.52 8.89 -24.93
C TRP A 108 2.96 7.48 -24.50
C TRP A 108 3.32 7.99 -24.62
N LYS A 109 3.19 6.64 -23.50
N LYS A 109 3.26 7.48 -23.39
CA LYS A 109 2.57 5.32 -23.44
CA LYS A 109 2.28 6.48 -23.00
C LYS A 109 1.85 5.20 -22.10
C LYS A 109 1.58 6.88 -21.69
N ASP A 110 0.55 4.97 -22.14
N ASP A 110 0.34 7.39 -21.80
CA ASP A 110 -0.25 4.97 -20.93
CA ASP A 110 -0.55 7.71 -20.69
C ASP A 110 0.04 3.71 -20.13
C ASP A 110 -0.59 6.55 -19.69
N PRO A 111 -0.06 3.75 -18.80
N PRO A 111 -0.80 6.81 -18.40
CA PRO A 111 0.09 2.54 -18.01
CA PRO A 111 -0.82 5.74 -17.38
C PRO A 111 -1.13 1.64 -18.13
C PRO A 111 -2.03 4.82 -17.55
N ILE A 112 -0.89 0.34 -18.04
N ILE A 112 -1.76 3.55 -17.85
CA ILE A 112 -1.95 -0.65 -18.20
CA ILE A 112 -2.83 2.58 -18.07
C ILE A 112 -2.24 -1.26 -16.85
C ILE A 112 -3.19 2.00 -16.69
N PRO A 113 -3.46 -1.17 -16.35
N PRO A 113 -4.37 2.29 -16.17
CA PRO A 113 -3.79 -1.78 -15.07
CA PRO A 113 -4.76 1.75 -14.85
C PRO A 113 -3.68 -3.29 -15.17
C PRO A 113 -4.80 0.23 -14.84
N ARG A 114 -3.37 -3.89 -14.04
N ARG A 114 -4.35 -0.36 -13.74
CA ARG A 114 -3.13 -5.33 -13.98
CA ARG A 114 -4.36 -1.82 -13.61
C ARG A 114 -4.40 -6.07 -13.69
C ARG A 114 -5.79 -2.34 -13.48
N LEU A 115 -5.31 -5.43 -12.97
N LEU A 115 -6.61 -1.63 -12.72
CA LEU A 115 -6.62 -5.98 -12.74
CA LEU A 115 -7.98 -2.09 -12.50
C LEU A 115 -7.61 -4.84 -12.71
C LEU A 115 -8.87 -0.88 -12.27
N VAL A 116 -8.80 -5.05 -13.28
N VAL A 116 -10.11 -0.91 -12.76
CA VAL A 116 -9.92 -4.12 -13.12
CA VAL A 116 -11.01 0.23 -12.59
C VAL A 116 -11.16 -4.92 -12.74
C VAL A 116 -12.40 -0.30 -12.25
N LEU A 117 -11.76 -4.54 -11.62
N LEU A 117 -12.89 0.01 -11.05
CA LEU A 117 -13.05 -5.06 -11.19
CA LEU A 117 -14.25 -0.33 -10.68
C LEU A 117 -14.09 -4.01 -11.55
C LEU A 117 -15.16 0.86 -11.01
N HIS A 118 -15.01 -4.35 -12.45
N HIS A 118 -16.10 0.66 -11.94
CA HIS A 118 -16.07 -3.44 -12.85
CA HIS A 118 -17.04 1.70 -12.35
C HIS A 118 -17.36 -3.80 -12.10
C HIS A 118 -18.36 1.49 -11.63
N PHE A 119 -17.99 -2.79 -11.56
N PHE A 119 -18.75 2.48 -10.84
CA PHE A 119 -19.30 -2.96 -10.96
CA PHE A 119 -20.01 2.48 -10.15
C PHE A 119 -20.34 -2.26 -11.81
C PHE A 119 -20.98 3.38 -10.91
N ALA A 120 -21.59 -2.50 -11.47
N ALA A 120 -22.24 3.39 -10.46
CA ALA A 120 -22.69 -1.84 -12.16
CA ALA A 120 -23.16 4.38 -11.02
C ALA A 120 -22.47 -0.33 -12.19
C ALA A 120 -22.75 5.79 -10.61
N LYS A 121 -21.92 0.23 -11.12
N LYS A 121 -22.20 5.96 -9.41
CA LYS A 121 -21.93 1.67 -10.95
CA LYS A 121 -21.87 7.26 -8.86
C LYS A 121 -20.54 2.30 -10.83
C LYS A 121 -20.39 7.64 -8.99
N GLY A 122 -19.48 1.50 -10.70
N GLY A 122 -19.62 6.90 -9.75
CA GLY A 122 -18.11 1.99 -10.75
CA GLY A 122 -18.21 7.22 -9.93
C GLY A 122 -17.09 0.89 -11.06
C GLY A 122 -17.40 5.97 -10.12
N PHE A 123 -15.82 1.14 -10.74
N PHE A 123 -16.10 6.07 -9.84
CA PHE A 123 -14.83 0.08 -10.84
CA PHE A 123 -15.22 4.94 -10.14
C PHE A 123 -13.63 0.38 -9.95
C PHE A 123 -13.97 5.01 -9.27
N LEU A 124 -12.80 -0.63 -9.79
N LEU A 124 -13.28 3.87 -9.18
CA LEU A 124 -11.52 -0.54 -9.09
CA LEU A 124 -12.04 3.69 -8.43
C LEU A 124 -10.43 -1.00 -10.05
C LEU A 124 -10.99 3.09 -9.35
N ALA A 125 -9.37 -0.22 -10.17
N ALA A 125 -9.92 3.84 -9.61
CA ALA A 125 -8.24 -0.56 -11.02
CA ALA A 125 -8.86 3.40 -10.51
C ALA A 125 -6.99 -0.75 -10.15
C ALA A 125 -7.63 3.01 -9.71
N PHE A 126 -6.24 -1.81 -10.45
N PHE A 126 -7.02 1.89 -10.07
CA PHE A 126 -5.06 -2.22 -9.70
CA PHE A 126 -5.85 1.33 -9.41
C PHE A 126 -3.87 -2.22 -10.64
C PHE A 126 -4.70 1.22 -10.40
N TYR A 127 -2.84 -1.41 -10.31
N TYR A 127 -3.56 1.79 -10.00
CA TYR A 127 -1.65 -1.14 -11.11
CA TYR A 127 -2.37 1.96 -10.81
C TYR A 127 -0.37 -1.58 -10.39
C TYR A 127 -1.19 1.28 -10.14
N ASN A 128 0.61 -2.06 -11.18
N ASN A 128 -0.39 0.61 -10.97
CA ASN A 128 1.94 -2.43 -10.70
CA ASN A 128 0.90 0.02 -10.63
C ASN A 128 1.85 -3.18 -9.38
C ASN A 128 0.84 -0.81 -9.36
N CYS A 129 1.16 -4.32 -9.41
N CYS A 129 -0.06 -1.78 -9.33
CA CYS A 129 0.99 -5.11 -8.20
CA CYS A 129 -0.19 -2.60 -8.15
C CYS A 129 0.99 -6.60 -8.51
C CYS A 129 -0.26 -4.07 -8.50
N ARG A 130 1.76 -7.34 -7.73
N ARG A 130 0.40 -4.88 -7.68
CA ARG A 130 1.65 -8.79 -7.71
CA ARG A 130 0.08 -6.28 -7.59
C ARG A 130 0.32 -9.16 -7.06
C ARG A 130 -1.32 -6.42 -6.98
N ILE A 131 -0.48 -9.97 -7.75
N ILE A 131 -2.18 -7.17 -7.66
CA ILE A 131 -1.81 -10.40 -7.31
CA ILE A 131 -3.50 -7.49 -7.14
C ILE A 131 -1.85 -11.93 -7.30
C ILE A 131 -3.67 -9.01 -7.26
N TYR A 132 -2.27 -12.51 -6.19
N TYR A 132 -4.11 -9.64 -6.16
CA TYR A 132 -2.27 -13.97 -6.15
CA TYR A 132 -4.27 -11.08 -6.17
C TYR A 132 -3.39 -14.48 -5.27
C TYR A 132 -5.45 -11.54 -5.30
N TRP A 133 -3.74 -15.75 -5.50
N TRP A 133 -6.06 -12.67 -5.72
CA TRP A 133 -4.72 -16.46 -4.69
CA TRP A 133 -7.18 -13.29 -5.03
C TRP A 133 -4.10 -16.85 -3.36
C TRP A 133 -6.69 -13.92 -3.73
N CYS A 134 -4.85 -16.67 -2.27
N CYS A 134 -7.15 -13.39 -2.59
CA CYS A 134 -4.35 -17.10 -0.97
CA CYS A 134 -6.77 -13.94 -1.29
C CYS A 134 -5.47 -17.75 -0.18
C CYS A 134 -7.99 -14.40 -0.51
N LEU A 135 -5.05 -18.51 0.84
N LEU A 135 -7.72 -15.07 0.61
CA LEU A 135 -6.02 -19.20 1.69
CA LEU A 135 -8.75 -15.58 1.50
C LEU A 135 -6.96 -18.20 2.37
C LEU A 135 -9.29 -14.51 2.45
N GLY A 136 -6.42 -17.07 2.80
N GLY A 136 -8.67 -13.35 2.50
CA GLY A 136 -7.22 -16.01 3.36
CA GLY A 136 -9.06 -12.30 3.42
C GLY A 136 -6.37 -14.80 3.68
C GLY A 136 -7.81 -11.67 3.99
N PRO A 137 -6.83 -13.98 4.62
N PRO A 137 -7.96 -10.65 4.85
CA PRO A 137 -6.01 -12.89 5.13
CA PRO A 137 -6.84 -10.21 5.69
C PRO A 137 -5.24 -13.28 6.39
C PRO A 137 -6.72 -11.06 6.95
N THR A 138 -4.13 -12.57 6.60
N THR A 138 -5.73 -11.96 7.01
CA THR A 138 -3.49 -12.45 7.89
CA THR A 138 -5.60 -12.94 8.10
C THR A 138 -3.50 -10.96 8.19
C THR A 138 -4.20 -12.86 8.73
N VAL A 139 -4.50 -10.50 8.95
N VAL A 139 -4.03 -11.90 9.64
CA VAL A 139 -4.67 -9.08 9.27
CA VAL A 139 -2.92 -11.86 10.58
C VAL A 139 -4.79 -8.97 10.79
C VAL A 139 -3.39 -11.02 11.74
N LYS A 140 -3.67 -8.72 11.46
N LYS A 140 -2.71 -11.14 12.88
CA LYS A 140 -3.63 -8.51 12.90
CA LYS A 140 -3.04 -10.31 14.04
C LYS A 140 -2.98 -7.15 13.15
C LYS A 140 -2.58 -8.88 13.80
N PRO A 141 -3.67 -6.23 13.82
N PRO A 141 -3.44 -7.88 14.01
CA PRO A 141 -3.13 -4.88 14.00
CA PRO A 141 -3.07 -6.48 13.73
C PRO A 141 -2.18 -4.72 15.18
C PRO A 141 -2.21 -5.82 14.79
N THR A 142 -1.83 -5.81 15.87
N THR A 142 -1.70 -6.56 15.76
CA THR A 142 -0.79 -5.77 16.88
CA THR A 142 -0.82 -6.01 16.79
C THR A 142 0.56 -5.41 16.26
C THR A 142 0.52 -5.59 16.18
N SER A 143 0.83 -5.92 15.06
N SER A 143 0.64 -5.72 14.86
CA SER A 143 2.09 -5.73 14.36
CA SER A 143 1.88 -5.43 14.15
C SER A 143 2.05 -4.57 13.37
C SER A 143 1.76 -4.26 13.19
N ASP A 144 1.03 -3.71 13.43
N ASP A 144 0.60 -3.61 13.09
CA ASP A 144 0.75 -2.72 12.40
CA ASP A 144 0.43 -2.47 12.20
C ASP A 144 0.92 -1.31 12.97
C ASP A 144 0.83 -1.20 12.93
N ILE A 145 1.87 -0.55 12.43
CA ILE A 145 2.32 0.71 13.05
C ILE A 145 1.25 1.80 13.09
N LEU A 146 0.14 1.65 12.37
CA LEU A 146 -0.87 2.69 12.30
C LEU A 146 -2.12 2.33 13.07
N SER A 147 -2.27 1.07 13.41
CA SER A 147 -3.38 0.60 14.19
C SER A 147 -3.27 1.07 15.64
N GLU A 148 -4.44 1.13 16.29
CA GLU A 148 -4.52 1.42 17.72
C GLU A 148 -3.91 0.31 18.56
N GLU A 149 -3.98 -0.93 18.07
CA GLU A 149 -3.49 -2.11 18.75
C GLU A 149 -2.01 -2.35 18.53
N PHE A 150 -1.27 -1.42 17.91
CA PHE A 150 0.16 -1.63 17.69
C PHE A 150 0.84 -1.96 19.00
N ASP A 151 1.42 -3.15 19.03
CA ASP A 151 2.00 -3.74 20.24
C ASP A 151 3.43 -3.27 20.35
N ARG A 152 3.66 -2.22 21.16
CA ARG A 152 5.01 -1.69 21.33
C ARG A 152 5.93 -2.63 22.10
N ARG A 153 5.38 -3.50 22.96
CA ARG A 153 6.22 -4.43 23.69
C ARG A 153 6.99 -5.33 22.72
N GLN A 154 6.28 -5.92 21.77
CA GLN A 154 6.91 -6.80 20.80
C GLN A 154 7.85 -6.02 19.88
N ALA A 155 7.49 -4.78 19.55
CA ALA A 155 8.36 -3.95 18.72
C ALA A 155 9.68 -3.67 19.43
N LEU A 156 9.61 -3.29 20.71
CA LEU A 156 10.81 -3.06 21.49
C LEU A 156 11.66 -4.32 21.59
N GLU A 157 11.03 -5.45 21.87
CA GLU A 157 11.78 -6.71 21.90
C GLU A 157 12.46 -6.98 20.58
N ALA A 158 11.85 -6.57 19.46
CA ALA A 158 12.52 -6.75 18.18
C ALA A 158 13.67 -5.75 18.02
N LEU A 159 13.48 -4.53 18.49
CA LEU A 159 14.47 -3.49 18.28
C LEU A 159 15.72 -3.74 19.13
N LYS A 160 15.57 -4.39 20.26
CA LYS A 160 16.67 -4.56 21.20
CA LYS A 160 16.68 -4.55 21.19
C LYS A 160 17.68 -5.62 20.75
N GLN A 161 17.39 -6.35 19.67
CA GLN A 161 18.31 -7.41 19.29
C GLN A 161 19.62 -6.83 18.72
N ALA A 162 20.66 -7.66 18.68
CA ALA A 162 21.99 -7.22 18.28
C ALA A 162 22.10 -7.07 16.76
N SER A 163 21.26 -6.18 16.24
CA SER A 163 21.16 -6.00 14.83
C SER A 163 20.96 -4.51 14.62
N PRO A 164 21.42 -3.95 13.50
CA PRO A 164 21.21 -2.53 13.26
C PRO A 164 19.72 -2.22 13.27
N VAL A 165 19.36 -1.10 13.89
CA VAL A 165 17.94 -0.76 14.00
C VAL A 165 17.37 -0.54 12.61
N SER A 166 18.15 0.04 11.72
CA SER A 166 17.64 0.28 10.38
C SER A 166 17.24 -1.01 9.69
N TYR A 167 17.82 -2.15 10.07
CA TYR A 167 17.31 -3.39 9.50
C TYR A 167 16.01 -3.81 10.17
N THR A 168 15.96 -3.72 11.50
CA THR A 168 14.83 -4.26 12.24
C THR A 168 13.55 -3.46 11.99
N LEU A 169 13.69 -2.16 11.76
CA LEU A 169 12.53 -1.33 11.52
C LEU A 169 11.76 -1.77 10.29
N LEU A 170 12.43 -2.39 9.31
CA LEU A 170 11.73 -2.81 8.11
C LEU A 170 11.12 -4.19 8.21
N ASP A 171 11.34 -4.91 9.30
CA ASP A 171 10.75 -6.24 9.49
C ASP A 171 9.22 -6.07 9.59
N GLN A 172 8.48 -6.54 8.58
CA GLN A 172 7.04 -6.35 8.61
C GLN A 172 6.34 -7.19 9.66
N ARG A 173 7.04 -8.12 10.30
CA ARG A 173 6.39 -8.80 11.43
C ARG A 173 6.16 -7.85 12.59
N TYR A 174 7.04 -6.88 12.80
CA TYR A 174 6.89 -6.02 13.96
C TYR A 174 6.49 -4.61 13.60
N PHE A 175 6.76 -4.20 12.37
CA PHE A 175 6.50 -2.85 11.91
C PHE A 175 5.75 -2.87 10.57
N ALA A 176 4.64 -3.64 10.51
CA ALA A 176 3.80 -3.64 9.31
C ALA A 176 3.47 -2.23 8.87
N GLY A 177 3.81 -1.91 7.62
CA GLY A 177 3.59 -0.58 7.07
C GLY A 177 4.80 0.30 7.04
N LEU A 178 5.89 -0.09 7.72
CA LEU A 178 7.08 0.73 7.75
C LEU A 178 7.91 0.46 6.51
N GLY A 179 8.15 1.52 5.73
CA GLY A 179 8.98 1.40 4.54
C GLY A 179 10.12 2.40 4.58
N ASN A 180 10.68 2.76 3.44
CA ASN A 180 11.98 3.42 3.50
C ASN A 180 11.90 4.88 3.91
N ILE A 181 10.83 5.57 3.54
CA ILE A 181 10.73 6.97 3.98
C ILE A 181 10.62 7.05 5.49
N ILE A 182 9.82 6.17 6.08
CA ILE A 182 9.66 6.18 7.53
C ILE A 182 10.97 5.78 8.20
N LYS A 183 11.62 4.72 7.69
CA LYS A 183 12.87 4.27 8.27
C LYS A 183 13.85 5.41 8.40
N ASN A 184 14.05 6.11 7.29
CA ASN A 184 15.09 7.13 7.25
C ASN A 184 14.72 8.33 8.11
N GLU A 185 13.46 8.79 7.98
CA GLU A 185 13.03 9.96 8.74
C GLU A 185 13.04 9.71 10.24
N VAL A 186 12.46 8.60 10.72
CA VAL A 186 12.41 8.42 12.18
C VAL A 186 13.82 8.21 12.76
N LEU A 187 14.71 7.52 12.04
CA LEU A 187 16.07 7.42 12.58
C LEU A 187 16.67 8.80 12.75
N TYR A 188 16.42 9.72 11.80
CA TYR A 188 16.91 11.08 12.04
C TYR A 188 16.22 11.74 13.24
N LEU A 189 14.88 11.62 13.32
CA LEU A 189 14.15 12.29 14.39
C LEU A 189 14.58 11.80 15.76
N ALA A 190 14.93 10.53 15.87
CA ALA A 190 15.42 9.99 17.13
C ALA A 190 16.93 10.21 17.29
N ARG A 191 17.58 10.84 16.31
CA ARG A 191 19.03 11.03 16.31
C ARG A 191 19.75 9.71 16.51
N ILE A 192 19.33 8.68 15.77
CA ILE A 192 19.97 7.39 15.85
C ILE A 192 20.62 7.06 14.51
N HIS A 193 21.85 6.59 14.57
CA HIS A 193 22.59 6.14 13.41
C HIS A 193 21.98 4.85 12.88
N PRO A 194 21.86 4.69 11.57
CA PRO A 194 21.13 3.52 11.06
C PRO A 194 21.86 2.22 11.27
N LEU A 195 23.17 2.24 11.44
CA LEU A 195 23.89 1.01 11.75
C LEU A 195 24.09 0.76 13.24
N SER A 196 23.61 1.63 14.12
CA SER A 196 23.65 1.32 15.55
C SER A 196 22.91 0.02 15.82
N LEU A 197 23.51 -0.85 16.62
CA LEU A 197 22.85 -2.07 17.04
C LEU A 197 21.79 -1.78 18.08
N GLY A 198 20.60 -2.34 17.92
CA GLY A 198 19.56 -2.16 18.92
C GLY A 198 20.04 -2.53 20.30
N SER A 199 20.90 -3.54 20.39
CA SER A 199 21.46 -3.95 21.68
C SER A 199 22.41 -2.92 22.30
N CYS A 200 22.96 -1.97 21.53
CA CYS A 200 23.85 -0.96 22.10
C CYS A 200 23.14 0.37 22.33
N LEU A 201 21.83 0.43 22.17
CA LEU A 201 21.06 1.64 22.42
C LEU A 201 20.45 1.56 23.81
N THR A 202 20.18 2.73 24.41
CA THR A 202 19.55 2.75 25.72
C THR A 202 18.06 2.47 25.60
N PRO A 203 17.42 1.98 26.67
CA PRO A 203 15.97 1.79 26.58
C PRO A 203 15.24 3.09 26.28
N LEU A 204 15.71 4.21 26.84
CA LEU A 204 15.13 5.51 26.51
C LEU A 204 15.24 5.83 25.02
N ASN A 205 16.38 5.48 24.41
CA ASN A 205 16.57 5.67 22.97
C ASN A 205 15.50 4.94 22.17
N LEU A 206 15.33 3.65 22.43
CA LEU A 206 14.38 2.86 21.66
C LEU A 206 12.95 3.30 21.95
N GLU A 207 12.69 3.82 23.15
CA GLU A 207 11.36 4.37 23.40
C GLU A 207 11.12 5.61 22.54
N SER A 208 12.10 6.50 22.44
CA SER A 208 11.99 7.65 21.54
C SER A 208 11.81 7.21 20.08
N LEU A 209 12.50 6.14 19.69
CA LEU A 209 12.38 5.65 18.33
C LEU A 209 10.95 5.18 18.05
N LEU A 210 10.35 4.42 18.97
CA LEU A 210 8.96 4.00 18.76
C LEU A 210 8.00 5.18 18.74
N ASP A 211 8.20 6.12 19.66
CA ASP A 211 7.38 7.32 19.67
C ASP A 211 7.39 7.99 18.31
N HIS A 212 8.60 8.13 17.73
CA HIS A 212 8.70 8.80 16.44
C HIS A 212 8.11 7.96 15.32
N VAL A 213 8.27 6.63 15.39
CA VAL A 213 7.62 5.79 14.39
C VAL A 213 6.15 6.14 14.30
N VAL A 214 5.47 6.08 15.44
CA VAL A 214 4.02 6.28 15.45
C VAL A 214 3.69 7.72 15.06
N SER A 215 4.33 8.69 15.71
CA SER A 215 4.02 10.08 15.44
C SER A 215 4.24 10.43 13.98
N PHE A 216 5.39 10.05 13.40
CA PHE A 216 5.68 10.43 12.03
C PHE A 216 4.73 9.78 11.04
N SER A 217 4.43 8.49 11.24
CA SER A 217 3.50 7.83 10.33
C SER A 217 2.13 8.49 10.36
N VAL A 218 1.65 8.80 11.56
CA VAL A 218 0.35 9.46 11.72
C VAL A 218 0.38 10.85 11.10
N GLY A 219 1.46 11.61 11.34
CA GLY A 219 1.52 12.95 10.78
C GLY A 219 1.51 12.95 9.26
N TRP A 220 2.29 12.03 8.67
CA TRP A 220 2.29 11.83 7.22
C TRP A 220 0.88 11.53 6.73
N LEU A 221 0.15 10.69 7.46
CA LEU A 221 -1.22 10.42 7.06
C LEU A 221 -2.09 11.68 7.08
N GLN A 222 -1.94 12.50 8.12
CA GLN A 222 -2.68 13.76 8.19
C GLN A 222 -2.37 14.66 6.99
N LYS A 223 -1.09 14.76 6.63
CA LYS A 223 -0.71 15.54 5.45
C LYS A 223 -1.31 14.95 4.18
N LYS A 224 -1.43 13.62 4.12
CA LYS A 224 -2.01 12.99 2.94
C LYS A 224 -3.51 13.17 2.83
N LEU A 225 -4.23 13.24 3.95
CA LEU A 225 -5.69 13.45 3.85
C LEU A 225 -6.00 14.82 3.24
N GLU A 226 -5.35 15.87 3.74
CA GLU A 226 -5.24 17.12 3.00
C GLU A 226 -4.25 16.94 1.84
N GLY A 227 -4.05 17.98 1.04
CA GLY A 227 -3.13 17.86 -0.08
C GLY A 227 -1.74 18.37 0.25
N LYS A 228 -1.46 18.47 1.54
CA LYS A 228 -0.20 19.08 1.96
C LYS A 228 0.98 18.22 1.53
N PRO A 229 2.09 18.84 1.14
CA PRO A 229 3.29 18.08 0.80
C PRO A 229 3.99 17.61 2.06
N LEU A 230 4.37 16.34 2.09
CA LEU A 230 5.32 15.87 3.09
C LEU A 230 6.71 16.33 2.68
N HIS A 231 7.38 17.06 3.57
CA HIS A 231 8.75 17.52 3.34
C HIS A 231 9.72 16.65 4.12
N HIS A 232 10.72 16.13 3.43
CA HIS A 232 11.68 15.24 4.05
C HIS A 232 12.68 16.04 4.87
N LEU A 233 13.06 15.49 6.00
CA LEU A 233 14.13 16.03 6.83
C LEU A 233 15.50 15.50 6.43
N ILE A 234 15.58 14.20 6.09
CA ILE A 234 16.82 13.51 5.79
C ILE A 234 16.70 12.76 4.47
N TYR A 235 15.55 12.11 4.25
CA TYR A 235 15.32 11.31 3.06
C TYR A 235 15.52 12.14 1.79
N GLN A 236 16.43 11.70 0.93
CA GLN A 236 16.67 12.33 -0.37
C GLN A 236 17.07 13.79 -0.23
N LYS A 237 17.72 14.15 0.88
CA LYS A 237 18.19 15.52 1.08
C LYS A 237 19.71 15.55 1.00
N GLU A 238 20.24 16.65 0.46
CA GLU A 238 21.69 16.82 0.44
C GLU A 238 22.21 17.32 1.78
N GLN A 239 21.43 18.15 2.49
CA GLN A 239 21.84 18.63 3.79
C GLN A 239 20.73 18.40 4.81
N CYS A 240 21.13 18.33 6.06
CA CYS A 240 20.23 18.09 7.18
C CYS A 240 19.63 19.43 7.60
N PRO A 241 18.72 19.43 8.57
CA PRO A 241 18.23 20.72 9.08
C PRO A 241 19.32 21.58 9.68
N ALA A 242 20.35 20.97 10.28
CA ALA A 242 21.45 21.75 10.84
C ALA A 242 22.43 22.26 9.80
N GLY A 243 22.32 21.84 8.54
CA GLY A 243 23.22 22.30 7.51
C GLY A 243 24.36 21.36 7.18
N HIS A 244 24.40 20.18 7.78
CA HIS A 244 25.43 19.19 7.51
C HIS A 244 25.20 18.45 6.20
N GLN A 245 26.28 17.90 5.67
CA GLN A 245 26.21 17.00 4.52
C GLN A 245 25.54 15.67 4.92
N VAL A 246 24.62 15.21 4.10
CA VAL A 246 23.90 13.97 4.34
C VAL A 246 24.59 12.86 3.56
N LYS A 248 24.73 8.93 2.02
CA LYS A 248 23.83 7.96 1.42
C LYS A 248 24.59 6.68 1.11
N ASP A 249 24.03 5.54 1.50
CA ASP A 249 24.68 4.25 1.26
C ASP A 249 23.60 3.16 1.29
N SER A 250 23.95 1.93 0.90
CA SER A 250 22.96 0.84 0.90
C SER A 250 23.41 -0.28 1.81
N PHE A 251 22.57 -0.63 2.77
CA PHE A 251 22.87 -1.70 3.72
C PHE A 251 21.71 -2.70 3.85
N GLY A 252 22.06 -3.97 4.10
CA GLY A 252 21.09 -5.03 4.30
C GLY A 252 21.17 -6.13 3.25
N PRO A 253 20.30 -7.15 3.37
CA PRO A 253 20.35 -8.32 2.43
C PRO A 253 20.11 -7.91 0.98
N PRO A 254 20.80 -8.55 0.03
CA PRO A 254 20.69 -8.13 -1.38
C PRO A 254 19.30 -8.26 -1.98
N GLY A 255 18.44 -9.12 -1.40
CA GLY A 255 17.05 -9.13 -1.84
C GLY A 255 16.31 -7.85 -1.51
N SER A 256 16.62 -7.25 -0.35
CA SER A 256 15.89 -6.10 0.17
C SER A 256 15.69 -5.02 -0.89
N PHE A 257 14.51 -4.40 -0.89
CA PHE A 257 14.20 -3.29 -1.76
C PHE A 257 14.34 -1.94 -1.05
N GLN A 258 14.67 -1.93 0.23
CA GLN A 258 14.87 -0.70 0.97
C GLN A 258 16.27 -0.60 1.58
N ARG A 259 17.30 -0.91 0.80
CA ARG A 259 18.63 -0.81 1.33
C ARG A 259 19.09 0.65 1.43
N LEU A 260 18.55 1.55 0.60
CA LEU A 260 19.07 2.91 0.57
C LEU A 260 18.79 3.62 1.88
N THR A 261 19.81 4.35 2.36
CA THR A 261 19.83 4.89 3.70
C THR A 261 20.49 6.26 3.67
N TRP A 262 19.79 7.24 4.24
CA TRP A 262 20.25 8.61 4.35
C TRP A 262 20.44 8.95 5.82
N TRP A 263 21.59 9.56 6.14
CA TRP A 263 21.80 9.91 7.54
C TRP A 263 22.86 11.03 7.63
N CYS A 264 22.80 11.76 8.72
CA CYS A 264 23.79 12.76 9.05
C CYS A 264 24.71 12.22 10.13
N PRO A 265 25.99 11.99 9.83
CA PRO A 265 26.91 11.47 10.86
C PRO A 265 27.00 12.37 12.08
N HIS A 266 26.82 13.68 11.89
CA HIS A 266 26.91 14.57 13.05
C HIS A 266 25.68 14.43 13.94
N CYS A 267 24.48 14.50 13.37
CA CYS A 267 23.29 14.41 14.21
C CYS A 267 22.98 13.00 14.66
N GLN A 268 23.54 11.99 13.99
CA GLN A 268 23.24 10.58 14.25
C GLN A 268 24.54 9.81 14.45
N PRO A 269 25.34 10.15 15.46
CA PRO A 269 26.59 9.42 15.65
C PRO A 269 26.27 7.96 15.95
N LYS A 270 27.03 7.06 15.34
CA LYS A 270 26.83 5.65 15.61
C LYS A 270 27.18 5.33 17.05
N ALA A 271 26.22 4.78 17.77
CA ALA A 271 26.48 4.30 19.11
C ALA A 271 27.47 3.14 19.05
N GLU A 272 28.36 3.08 20.02
CA GLU A 272 29.44 2.10 20.01
C GLU A 272 29.20 1.04 21.07
N GLU A 273 29.73 -0.16 20.79
CA GLU A 273 29.88 -1.21 21.79
C GLU A 273 30.55 -0.65 23.04
#